data_1PRZ
#
_entry.id   1PRZ
#
_cell.length_a   52.261
_cell.length_b   76.362
_cell.length_c   85.717
_cell.angle_alpha   90.00
_cell.angle_beta   90.00
_cell.angle_gamma   90.00
#
_symmetry.space_group_name_H-M   'P 21 21 21'
#
loop_
_entity.id
_entity.type
_entity.pdbx_description
1 polymer 'Ribosomal large subunit pseudouridine synthase D'
2 water water
#
_entity_poly.entity_id   1
_entity_poly.type   'polypeptide(L)'
_entity_poly.pdbx_seq_one_letter_code
;ARFEPQDIPLDIVYEDEDIIVINKPRDLVVHPGAGNPDGTVLNALLHYYPPIADVPRAGIVHRLDKDTTGL(MSE)VVAK
TVPAQTRLVESLQRREITREYEAVAIGH(MSE)TAGGTVDEPISRHPTKRTH(MSE)AVHP(MSE)GKPAVTHYRI
(MSE)EHFRVHTRLRLRLETGRTHQIRVH(MSE)AHITHPLVGDPVYGGRPRPPKGASEAFISTLRKFDRQALHAT
(MSE)LRLYHPISGIE(MSE)EWHAPIPQD(MSE)VELIEV(MSE)RADFEEHKDEVDWL
;
_entity_poly.pdbx_strand_id   A
#
# COMPACT_ATOMS: atom_id res chain seq x y z
N ALA A 1 16.71 23.98 -7.73
CA ALA A 1 17.83 23.06 -8.11
C ALA A 1 17.33 21.70 -8.68
N ARG A 2 18.15 20.65 -8.54
CA ARG A 2 17.87 19.29 -9.04
C ARG A 2 16.40 18.90 -9.37
N PHE A 3 15.62 18.55 -8.34
CA PHE A 3 14.22 18.15 -8.56
C PHE A 3 13.31 19.37 -8.83
N GLU A 4 12.56 19.33 -9.92
CA GLU A 4 11.70 20.45 -10.27
C GLU A 4 10.22 20.27 -9.94
N PRO A 5 9.51 21.38 -9.78
CA PRO A 5 8.08 21.27 -9.48
C PRO A 5 7.40 20.85 -10.78
N GLN A 6 6.39 19.99 -10.68
CA GLN A 6 5.66 19.56 -11.85
C GLN A 6 4.17 19.57 -11.53
N ASP A 7 3.39 20.05 -12.49
CA ASP A 7 1.96 20.13 -12.36
C ASP A 7 1.31 18.75 -12.41
N ILE A 8 1.44 18.00 -11.31
CA ILE A 8 0.88 16.65 -11.16
C ILE A 8 -0.21 16.75 -10.05
N PRO A 9 -1.49 16.61 -10.41
CA PRO A 9 -2.56 16.71 -9.40
C PRO A 9 -2.44 15.68 -8.27
N LEU A 10 -2.79 16.06 -7.06
CA LEU A 10 -2.75 15.14 -5.93
C LEU A 10 -4.13 15.13 -5.33
N ASP A 11 -4.55 14.00 -4.76
CA ASP A 11 -5.87 13.92 -4.14
C ASP A 11 -5.65 14.20 -2.64
N ILE A 12 -5.83 15.46 -2.27
CA ILE A 12 -5.63 15.88 -0.89
C ILE A 12 -6.88 15.57 -0.07
N VAL A 13 -6.71 14.63 0.84
CA VAL A 13 -7.77 14.17 1.73
C VAL A 13 -7.92 15.09 2.92
N TYR A 14 -6.79 15.62 3.39
CA TYR A 14 -6.78 16.50 4.54
C TYR A 14 -5.57 17.39 4.51
N GLU A 15 -5.72 18.66 4.91
CA GLU A 15 -4.57 19.51 4.97
C GLU A 15 -4.75 20.56 6.05
N ASP A 16 -3.70 20.86 6.80
CA ASP A 16 -3.81 21.96 7.76
C ASP A 16 -2.51 22.74 7.66
N GLU A 17 -2.18 23.59 8.63
CA GLU A 17 -0.95 24.35 8.55
C GLU A 17 0.28 23.43 8.52
N ASP A 18 0.18 22.28 9.19
CA ASP A 18 1.34 21.42 9.34
C ASP A 18 1.50 20.17 8.52
N ILE A 19 0.39 19.57 8.12
CA ILE A 19 0.47 18.35 7.33
C ILE A 19 -0.49 18.30 6.16
N ILE A 20 -0.16 17.40 5.23
CA ILE A 20 -1.00 17.13 4.09
C ILE A 20 -1.14 15.60 4.06
N VAL A 21 -2.35 15.11 3.85
CA VAL A 21 -2.60 13.67 3.75
C VAL A 21 -3.17 13.52 2.35
N ILE A 22 -2.63 12.59 1.57
CA ILE A 22 -3.08 12.36 0.23
C ILE A 22 -3.51 10.92 0.03
N ASN A 23 -4.26 10.70 -1.03
CA ASN A 23 -4.69 9.34 -1.41
C ASN A 23 -3.95 9.16 -2.73
N LYS A 24 -2.85 8.41 -2.70
CA LYS A 24 -2.05 8.24 -3.88
C LYS A 24 -2.57 7.20 -4.85
N PRO A 25 -2.64 7.53 -6.15
CA PRO A 25 -3.10 6.55 -7.14
C PRO A 25 -1.95 5.61 -7.54
N ARG A 26 -2.25 4.62 -8.39
CA ARG A 26 -1.20 3.72 -8.89
C ARG A 26 -0.39 4.52 -9.96
N ASP A 27 0.69 3.95 -10.47
CA ASP A 27 1.51 4.60 -11.49
C ASP A 27 2.03 5.97 -11.04
N LEU A 28 2.35 6.09 -9.76
CA LEU A 28 2.90 7.35 -9.28
C LEU A 28 3.94 7.05 -8.20
N VAL A 29 5.20 7.28 -8.56
CA VAL A 29 6.34 7.06 -7.65
C VAL A 29 6.40 8.22 -6.65
N VAL A 30 6.75 7.93 -5.42
CA VAL A 30 6.82 8.91 -4.36
C VAL A 30 8.04 9.83 -4.42
N HIS A 31 9.24 9.23 -4.52
CA HIS A 31 10.48 10.01 -4.57
C HIS A 31 11.33 9.70 -5.81
N PRO A 32 12.02 10.70 -6.38
CA PRO A 32 12.84 10.47 -7.57
C PRO A 32 13.88 9.36 -7.34
N GLY A 33 14.23 8.67 -8.42
CA GLY A 33 15.21 7.61 -8.30
C GLY A 33 15.54 6.98 -9.65
N ALA A 34 16.39 5.97 -9.64
CA ALA A 34 16.82 5.25 -10.85
C ALA A 34 15.61 4.80 -11.69
N GLY A 35 15.46 5.37 -12.88
CA GLY A 35 14.33 5.00 -13.71
C GLY A 35 13.15 5.93 -13.48
N ASN A 36 13.25 6.76 -12.44
CA ASN A 36 12.21 7.72 -12.11
C ASN A 36 12.88 9.03 -11.68
N PRO A 37 13.45 9.75 -12.66
CA PRO A 37 14.13 11.01 -12.35
C PRO A 37 13.13 12.10 -11.98
N ASP A 38 11.89 12.00 -12.49
CA ASP A 38 10.88 12.99 -12.17
C ASP A 38 9.45 12.44 -12.26
N GLY A 39 8.44 13.31 -12.19
CA GLY A 39 7.06 12.84 -12.26
C GLY A 39 6.59 12.11 -10.99
N THR A 40 7.19 12.47 -9.85
CA THR A 40 6.89 11.82 -8.56
C THR A 40 6.07 12.73 -7.65
N VAL A 41 5.64 12.18 -6.52
CA VAL A 41 4.88 12.93 -5.51
C VAL A 41 5.74 14.13 -5.07
N LEU A 42 7.05 13.92 -4.93
CA LEU A 42 7.93 15.02 -4.54
C LEU A 42 7.78 16.18 -5.53
N ASN A 43 7.79 15.87 -6.82
CA ASN A 43 7.64 16.92 -7.84
C ASN A 43 6.28 17.58 -7.72
N ALA A 44 5.24 16.78 -7.43
CA ALA A 44 3.90 17.35 -7.32
C ALA A 44 3.84 18.30 -6.12
N LEU A 45 4.50 17.93 -5.04
CA LEU A 45 4.48 18.75 -3.83
C LEU A 45 5.17 20.08 -4.05
N LEU A 46 6.32 20.05 -4.73
CA LEU A 46 7.07 21.29 -4.99
C LEU A 46 6.20 22.24 -5.77
N HIS A 47 5.41 21.72 -6.69
CA HIS A 47 4.51 22.55 -7.49
C HIS A 47 3.34 23.08 -6.65
N TYR A 48 2.74 22.19 -5.86
CA TYR A 48 1.55 22.57 -5.08
C TYR A 48 1.81 23.55 -3.95
N TYR A 49 2.93 23.36 -3.26
CA TYR A 49 3.31 24.18 -2.09
C TYR A 49 4.80 24.41 -2.11
N PRO A 50 5.30 25.33 -2.96
CA PRO A 50 6.73 25.64 -3.06
C PRO A 50 7.47 25.82 -1.72
N PRO A 51 6.82 26.40 -0.70
CA PRO A 51 7.54 26.55 0.59
C PRO A 51 7.97 25.19 1.16
N ILE A 52 7.47 24.09 0.59
CA ILE A 52 7.85 22.78 1.13
C ILE A 52 9.31 22.43 0.78
N ALA A 53 9.88 23.16 -0.17
CA ALA A 53 11.30 22.98 -0.53
C ALA A 53 12.21 23.25 0.67
N ASP A 54 11.74 24.00 1.66
CA ASP A 54 12.60 24.25 2.83
C ASP A 54 12.49 23.13 3.85
N VAL A 55 11.76 22.08 3.49
CA VAL A 55 11.56 20.94 4.38
C VAL A 55 12.33 19.76 3.79
N PRO A 56 13.01 18.96 4.65
CA PRO A 56 13.77 17.83 4.11
C PRO A 56 12.91 16.90 3.27
N ARG A 57 13.41 16.58 2.08
CA ARG A 57 12.75 15.68 1.15
C ARG A 57 11.30 16.08 0.84
N ALA A 58 11.07 17.39 0.73
CA ALA A 58 9.73 17.91 0.46
C ALA A 58 8.68 17.41 1.47
N GLY A 59 9.11 17.19 2.71
CA GLY A 59 8.22 16.73 3.76
C GLY A 59 7.80 15.26 3.72
N ILE A 60 8.32 14.53 2.73
CA ILE A 60 8.00 13.10 2.59
C ILE A 60 8.66 12.30 3.72
N VAL A 61 7.84 11.66 4.56
CA VAL A 61 8.38 10.91 5.70
C VAL A 61 8.17 9.39 5.63
N HIS A 62 7.31 8.92 4.74
CA HIS A 62 7.12 7.49 4.55
C HIS A 62 6.67 7.33 3.09
N ARG A 63 6.76 6.12 2.55
CA ARG A 63 6.41 5.98 1.14
C ARG A 63 5.54 4.77 0.88
N LEU A 64 5.01 4.75 -0.33
CA LEU A 64 4.18 3.65 -0.82
C LEU A 64 4.79 3.33 -2.18
N ASP A 65 4.68 2.07 -2.60
CA ASP A 65 5.20 1.68 -3.89
C ASP A 65 4.43 2.36 -5.01
N LYS A 66 5.10 2.49 -6.15
CA LYS A 66 4.52 3.08 -7.34
C LYS A 66 3.08 2.64 -7.61
N ASP A 67 2.85 1.32 -7.53
CA ASP A 67 1.56 0.76 -7.81
C ASP A 67 0.75 0.30 -6.59
N THR A 68 1.08 0.86 -5.44
CA THR A 68 0.27 0.62 -4.26
C THR A 68 -0.53 1.94 -4.13
N THR A 69 -1.83 1.83 -3.83
CA THR A 69 -2.67 3.03 -3.72
C THR A 69 -2.92 3.42 -2.26
N GLY A 70 -3.36 4.65 -2.04
CA GLY A 70 -3.68 4.98 -0.66
C GLY A 70 -3.03 6.13 0.10
N LEU A 71 -3.31 6.14 1.40
CA LEU A 71 -2.89 7.23 2.27
C LEU A 71 -1.43 7.36 2.59
N VAL A 73 1.02 10.58 4.70
CA VAL A 73 1.06 11.88 5.36
C VAL A 73 2.41 12.53 5.03
N VAL A 74 2.34 13.83 4.73
CA VAL A 74 3.49 14.62 4.32
C VAL A 74 3.57 15.82 5.24
N ALA A 75 4.79 16.19 5.65
CA ALA A 75 4.99 17.34 6.53
C ALA A 75 5.12 18.61 5.66
N LYS A 76 4.53 19.72 6.11
CA LYS A 76 4.59 21.00 5.39
C LYS A 76 5.63 21.92 6.02
N THR A 77 6.05 21.56 7.22
CA THR A 77 7.01 22.37 7.99
C THR A 77 8.16 21.56 8.60
N VAL A 78 9.23 22.26 8.97
CA VAL A 78 10.36 21.55 9.54
C VAL A 78 9.99 20.91 10.88
N PRO A 79 9.35 21.66 11.79
CA PRO A 79 8.98 21.05 13.08
C PRO A 79 8.10 19.83 12.87
N ALA A 80 7.14 19.94 11.94
CA ALA A 80 6.24 18.83 11.67
C ALA A 80 6.94 17.60 11.12
N GLN A 81 7.94 17.81 10.24
CA GLN A 81 8.59 16.64 9.72
C GLN A 81 9.50 15.97 10.75
N THR A 82 10.09 16.73 11.67
CA THR A 82 10.95 16.11 12.69
C THR A 82 10.11 15.27 13.64
N ARG A 83 8.96 15.81 14.05
CA ARG A 83 8.05 15.08 14.93
C ARG A 83 7.48 13.84 14.23
N LEU A 84 7.04 13.98 12.98
CA LEU A 84 6.49 12.85 12.25
C LEU A 84 7.55 11.77 12.11
N VAL A 85 8.79 12.17 11.79
CA VAL A 85 9.85 11.18 11.66
C VAL A 85 10.05 10.45 12.97
N GLU A 86 9.98 11.18 14.07
CA GLU A 86 10.13 10.59 15.39
C GLU A 86 9.01 9.61 15.71
N SER A 87 7.79 10.02 15.35
CA SER A 87 6.61 9.20 15.58
C SER A 87 6.77 7.86 14.86
N LEU A 88 7.34 7.87 13.67
CA LEU A 88 7.58 6.65 12.88
C LEU A 88 8.68 5.78 13.51
N GLN A 89 9.73 6.42 14.02
CA GLN A 89 10.84 5.71 14.68
C GLN A 89 10.30 5.02 15.92
N ARG A 90 9.28 5.62 16.53
CA ARG A 90 8.65 5.04 17.71
C ARG A 90 7.48 4.15 17.41
N ARG A 91 7.28 3.85 16.12
CA ARG A 91 6.18 2.98 15.70
C ARG A 91 4.87 3.42 16.30
N GLU A 92 4.60 4.73 16.27
CA GLU A 92 3.37 5.29 16.82
C GLU A 92 2.37 5.77 15.75
N ILE A 93 2.64 5.43 14.50
CA ILE A 93 1.71 5.81 13.44
C ILE A 93 1.01 4.52 12.94
N THR A 94 -0.32 4.48 13.02
CA THR A 94 -1.04 3.29 12.53
C THR A 94 -1.24 3.37 11.00
N ARG A 95 -0.75 2.37 10.30
CA ARG A 95 -0.92 2.31 8.84
C ARG A 95 -1.61 0.98 8.51
N GLU A 96 -2.90 1.05 8.18
CA GLU A 96 -3.65 -0.16 7.87
C GLU A 96 -3.84 -0.32 6.35
N TYR A 97 -3.81 -1.57 5.90
CA TYR A 97 -3.93 -1.87 4.47
C TYR A 97 -4.99 -2.90 4.21
N GLU A 98 -5.58 -2.83 3.02
CA GLU A 98 -6.51 -3.86 2.58
C GLU A 98 -5.77 -4.51 1.39
N ALA A 99 -5.86 -5.83 1.29
CA ALA A 99 -5.16 -6.55 0.25
C ALA A 99 -5.94 -7.77 -0.15
N VAL A 100 -5.62 -8.28 -1.33
CA VAL A 100 -6.22 -9.50 -1.79
C VAL A 100 -5.05 -10.42 -2.09
N ALA A 101 -4.99 -11.55 -1.39
CA ALA A 101 -3.90 -12.51 -1.55
C ALA A 101 -4.35 -13.78 -2.28
N ILE A 102 -3.41 -14.44 -2.95
CA ILE A 102 -3.77 -15.65 -3.65
C ILE A 102 -3.86 -16.77 -2.63
N GLY A 103 -4.78 -17.67 -2.89
CA GLY A 103 -4.92 -18.83 -2.04
C GLY A 103 -5.93 -18.69 -0.95
N HIS A 104 -6.49 -19.83 -0.56
CA HIS A 104 -7.46 -19.85 0.52
C HIS A 104 -6.63 -19.87 1.78
N THR A 106 -6.72 -19.76 6.02
CA THR A 106 -7.68 -20.18 7.02
C THR A 106 -7.58 -19.32 8.28
N ALA A 107 -6.41 -18.70 8.50
CA ALA A 107 -6.24 -17.87 9.70
C ALA A 107 -5.45 -16.60 9.56
N GLY A 108 -5.81 -15.62 10.37
CA GLY A 108 -5.08 -14.37 10.44
C GLY A 108 -3.81 -14.66 11.25
N GLY A 109 -2.97 -13.65 11.50
CA GLY A 109 -1.76 -13.89 12.24
C GLY A 109 -0.73 -12.77 12.16
N THR A 110 0.52 -13.13 12.43
CA THR A 110 1.61 -12.17 12.41
C THR A 110 2.79 -12.78 11.71
N VAL A 111 3.43 -11.98 10.87
CA VAL A 111 4.63 -12.45 10.22
C VAL A 111 5.69 -11.57 10.84
N ASP A 112 6.61 -12.21 11.55
CA ASP A 112 7.70 -11.52 12.22
C ASP A 112 8.97 -12.19 11.68
N GLU A 113 9.52 -11.66 10.59
CA GLU A 113 10.72 -12.18 9.94
C GLU A 113 11.47 -10.99 9.33
N PRO A 114 12.79 -10.90 9.55
CA PRO A 114 13.60 -9.79 9.02
C PRO A 114 13.62 -9.75 7.48
N ILE A 115 13.86 -8.56 6.94
CA ILE A 115 13.89 -8.36 5.51
C ILE A 115 15.15 -7.64 4.99
N SER A 116 15.68 -8.14 3.88
CA SER A 116 16.84 -7.52 3.27
C SER A 116 16.71 -7.72 1.76
N ARG A 117 17.63 -7.13 1.00
CA ARG A 117 17.59 -7.28 -0.44
C ARG A 117 17.82 -8.71 -0.88
N HIS A 118 17.07 -9.15 -1.88
CA HIS A 118 17.30 -10.48 -2.39
C HIS A 118 18.73 -10.34 -2.95
N PRO A 119 19.61 -11.31 -2.68
CA PRO A 119 20.98 -11.16 -3.20
C PRO A 119 21.17 -11.35 -4.72
N THR A 120 20.23 -12.06 -5.33
CA THR A 120 20.26 -12.40 -6.76
C THR A 120 19.26 -11.69 -7.67
N LYS A 121 18.01 -11.61 -7.21
CA LYS A 121 16.95 -10.94 -7.97
C LYS A 121 16.92 -9.52 -7.41
N ARG A 122 17.62 -8.64 -8.10
CA ARG A 122 17.78 -7.27 -7.67
C ARG A 122 16.53 -6.41 -7.64
N THR A 123 15.43 -6.95 -8.15
CA THR A 123 14.14 -6.27 -8.15
C THR A 123 13.34 -6.75 -6.92
N HIS A 124 13.83 -7.81 -6.26
CA HIS A 124 13.17 -8.38 -5.09
C HIS A 124 13.80 -8.09 -3.72
N ALA A 126 13.71 -9.91 0.34
CA ALA A 126 13.58 -11.29 0.80
C ALA A 126 13.59 -11.40 2.31
N VAL A 127 12.99 -12.47 2.80
CA VAL A 127 12.99 -12.71 4.24
C VAL A 127 14.35 -13.35 4.52
N HIS A 128 15.07 -12.84 5.52
CA HIS A 128 16.36 -13.42 5.90
C HIS A 128 16.69 -13.09 7.36
N PRO A 129 17.15 -14.09 8.14
CA PRO A 129 17.49 -13.88 9.56
C PRO A 129 18.34 -12.64 9.82
N GLY A 131 18.33 -9.82 8.04
CA GLY A 131 17.73 -8.58 7.56
C GLY A 131 17.24 -7.64 8.64
N LYS A 132 16.64 -6.52 8.24
CA LYS A 132 16.10 -5.56 9.19
C LYS A 132 14.81 -6.15 9.81
N PRO A 133 14.68 -6.16 11.16
CA PRO A 133 13.46 -6.72 11.74
C PRO A 133 12.19 -6.17 11.10
N ALA A 134 11.23 -7.05 10.85
CA ALA A 134 9.98 -6.62 10.23
C ALA A 134 8.83 -7.42 10.82
N VAL A 135 7.75 -6.73 11.11
CA VAL A 135 6.58 -7.36 11.71
C VAL A 135 5.34 -6.83 10.99
N THR A 136 4.54 -7.77 10.47
CA THR A 136 3.30 -7.45 9.78
C THR A 136 2.19 -8.25 10.43
N HIS A 137 1.10 -7.58 10.77
CA HIS A 137 -0.05 -8.27 11.39
C HIS A 137 -1.13 -8.32 10.34
N TYR A 138 -1.84 -9.45 10.25
CA TYR A 138 -2.89 -9.58 9.26
C TYR A 138 -4.12 -10.31 9.78
N ARG A 139 -5.29 -9.89 9.28
CA ARG A 139 -6.62 -10.45 9.63
C ARG A 139 -7.32 -10.84 8.33
N ILE A 140 -8.11 -11.90 8.37
CA ILE A 140 -8.86 -12.29 7.18
C ILE A 140 -10.22 -11.59 7.31
N GLU A 142 -12.49 -11.60 4.65
CA GLU A 142 -13.45 -12.32 3.84
C GLU A 142 -12.74 -13.41 3.05
N HIS A 143 -13.44 -14.55 2.89
CA HIS A 143 -12.93 -15.70 2.17
C HIS A 143 -13.48 -15.73 0.73
N PHE A 144 -12.61 -16.06 -0.21
CA PHE A 144 -13.04 -16.26 -1.57
C PHE A 144 -12.63 -17.72 -1.84
N ARG A 145 -12.99 -18.28 -2.99
CA ARG A 145 -12.66 -19.68 -3.23
C ARG A 145 -11.18 -20.02 -3.19
N VAL A 146 -10.36 -19.29 -3.94
CA VAL A 146 -8.94 -19.54 -3.89
C VAL A 146 -8.15 -18.23 -3.79
N HIS A 147 -8.73 -17.25 -3.08
CA HIS A 147 -8.13 -15.93 -2.79
C HIS A 147 -8.70 -15.55 -1.43
N THR A 148 -8.07 -14.59 -0.76
CA THR A 148 -8.51 -14.18 0.55
C THR A 148 -8.33 -12.65 0.67
N ARG A 149 -9.34 -11.97 1.20
CA ARG A 149 -9.25 -10.53 1.40
C ARG A 149 -8.71 -10.31 2.83
N LEU A 150 -7.68 -9.47 2.94
CA LEU A 150 -7.03 -9.21 4.22
C LEU A 150 -6.99 -7.75 4.59
N ARG A 151 -6.77 -7.53 5.88
CA ARG A 151 -6.55 -6.19 6.40
C ARG A 151 -5.24 -6.41 7.16
N LEU A 152 -4.27 -5.53 6.95
CA LEU A 152 -2.96 -5.67 7.60
C LEU A 152 -2.54 -4.39 8.30
N ARG A 153 -1.71 -4.53 9.33
CA ARG A 153 -1.19 -3.35 10.01
C ARG A 153 0.31 -3.49 10.10
N LEU A 154 0.97 -2.38 9.76
CA LEU A 154 2.42 -2.28 9.75
C LEU A 154 2.96 -1.85 11.12
N GLU A 155 3.80 -2.68 11.74
CA GLU A 155 4.44 -2.33 13.00
C GLU A 155 5.75 -1.64 12.57
N THR A 156 6.40 -2.26 11.57
CA THR A 156 7.62 -1.72 10.93
C THR A 156 7.18 -1.37 9.48
N GLY A 157 7.99 -0.59 8.76
CA GLY A 157 7.61 -0.25 7.39
C GLY A 157 8.70 -0.45 6.35
N ARG A 158 9.30 -1.64 6.29
CA ARG A 158 10.37 -1.89 5.33
C ARG A 158 9.90 -1.95 3.86
N THR A 159 10.88 -1.91 2.97
CA THR A 159 10.65 -1.98 1.53
C THR A 159 9.94 -3.29 1.15
N HIS A 160 8.79 -3.15 0.45
CA HIS A 160 7.98 -4.27 0.00
C HIS A 160 7.54 -5.16 1.16
N GLN A 161 7.54 -4.62 2.37
CA GLN A 161 7.22 -5.45 3.53
C GLN A 161 5.99 -6.34 3.39
N ILE A 162 4.81 -5.76 3.15
CA ILE A 162 3.62 -6.61 3.04
C ILE A 162 3.73 -7.61 1.87
N ARG A 163 4.18 -7.13 0.72
CA ARG A 163 4.31 -8.02 -0.40
C ARG A 163 5.26 -9.20 -0.15
N VAL A 164 6.43 -8.93 0.45
CA VAL A 164 7.38 -10.02 0.67
C VAL A 164 6.96 -10.92 1.83
N HIS A 165 6.33 -10.35 2.86
CA HIS A 165 5.88 -11.18 3.97
C HIS A 165 4.77 -12.11 3.53
N ALA A 167 4.19 -13.14 0.44
CA ALA A 167 4.77 -14.15 -0.43
C ALA A 167 5.50 -15.21 0.43
N HIS A 168 6.14 -14.76 1.50
CA HIS A 168 6.89 -15.63 2.40
C HIS A 168 6.01 -16.72 2.97
N ILE A 169 4.78 -16.39 3.34
CA ILE A 169 3.91 -17.43 3.87
C ILE A 169 3.08 -18.16 2.83
N THR A 170 3.44 -18.02 1.55
CA THR A 170 2.77 -18.74 0.46
C THR A 170 1.55 -18.08 -0.12
N HIS A 171 1.31 -16.85 0.31
CA HIS A 171 0.14 -16.14 -0.18
C HIS A 171 0.49 -14.77 -0.76
N PRO A 172 1.25 -14.74 -1.88
CA PRO A 172 1.57 -13.40 -2.45
C PRO A 172 0.28 -12.70 -2.90
N LEU A 173 0.37 -11.39 -3.05
CA LEU A 173 -0.80 -10.63 -3.44
C LEU A 173 -1.13 -10.85 -4.90
N VAL A 174 -2.42 -10.84 -5.21
CA VAL A 174 -2.94 -10.93 -6.58
C VAL A 174 -2.35 -9.75 -7.36
N GLY A 175 -1.91 -10.02 -8.58
CA GLY A 175 -1.38 -8.98 -9.47
C GLY A 175 0.03 -8.46 -9.23
N ASP A 176 0.70 -8.97 -8.19
CA ASP A 176 2.04 -8.54 -7.85
C ASP A 176 2.95 -9.02 -8.97
N PRO A 177 3.53 -8.09 -9.75
CA PRO A 177 4.40 -8.47 -10.86
C PRO A 177 5.77 -8.98 -10.42
N VAL A 178 6.10 -8.79 -9.13
CA VAL A 178 7.39 -9.23 -8.63
C VAL A 178 7.29 -10.55 -7.86
N TYR A 179 6.47 -10.57 -6.82
CA TYR A 179 6.32 -11.75 -5.99
C TYR A 179 5.24 -12.74 -6.42
N GLY A 180 4.32 -12.27 -7.26
CA GLY A 180 3.27 -13.15 -7.72
C GLY A 180 3.60 -13.91 -9.01
N GLY A 181 2.86 -14.97 -9.25
CA GLY A 181 3.06 -15.74 -10.47
C GLY A 181 1.87 -15.41 -11.35
N ARG A 182 1.55 -16.32 -12.27
CA ARG A 182 0.42 -16.14 -13.18
C ARG A 182 -0.89 -16.28 -12.41
N PRO A 183 -1.93 -15.55 -12.83
CA PRO A 183 -3.19 -15.68 -12.11
C PRO A 183 -3.75 -17.08 -12.26
N ARG A 184 -4.39 -17.58 -11.22
CA ARG A 184 -4.94 -18.92 -11.27
C ARG A 184 -6.39 -18.86 -10.85
N PRO A 185 -7.30 -18.73 -11.82
CA PRO A 185 -8.74 -18.67 -11.52
C PRO A 185 -9.19 -20.05 -11.04
N PRO A 186 -10.22 -20.11 -10.17
CA PRO A 186 -10.73 -21.40 -9.67
C PRO A 186 -11.54 -22.11 -10.77
N LYS A 187 -11.65 -23.43 -10.67
CA LYS A 187 -12.40 -24.19 -11.66
C LYS A 187 -13.81 -23.64 -11.74
N GLY A 188 -14.30 -23.45 -12.95
CA GLY A 188 -15.66 -22.99 -13.07
C GLY A 188 -15.83 -21.51 -12.87
N ALA A 189 -14.72 -20.77 -12.76
CA ALA A 189 -14.82 -19.33 -12.61
C ALA A 189 -15.53 -18.75 -13.85
N SER A 190 -16.34 -17.73 -13.63
CA SER A 190 -17.07 -17.05 -14.70
C SER A 190 -16.06 -16.37 -15.61
N GLU A 191 -16.51 -15.97 -16.83
CA GLU A 191 -15.60 -15.28 -17.74
C GLU A 191 -15.24 -13.92 -17.12
N ALA A 192 -16.24 -13.25 -16.56
CA ALA A 192 -16.02 -11.98 -15.90
C ALA A 192 -14.91 -12.13 -14.83
N PHE A 193 -14.98 -13.18 -14.01
CA PHE A 193 -13.97 -13.42 -12.99
C PHE A 193 -12.61 -13.66 -13.67
N ILE A 194 -12.56 -14.59 -14.62
CA ILE A 194 -11.29 -14.87 -15.28
C ILE A 194 -10.62 -13.65 -15.88
N SER A 195 -11.36 -12.85 -16.64
CA SER A 195 -10.72 -11.70 -17.25
C SER A 195 -10.39 -10.58 -16.27
N THR A 196 -11.25 -10.34 -15.29
CA THR A 196 -10.97 -9.30 -14.30
C THR A 196 -9.67 -9.65 -13.56
N LEU A 197 -9.48 -10.93 -13.24
CA LEU A 197 -8.29 -11.40 -12.54
C LEU A 197 -7.07 -11.27 -13.44
N ARG A 198 -7.21 -11.75 -14.68
CA ARG A 198 -6.13 -11.71 -15.66
C ARG A 198 -5.68 -10.25 -15.89
N LYS A 199 -6.62 -9.31 -16.03
CA LYS A 199 -6.24 -7.92 -16.29
C LYS A 199 -5.76 -7.11 -15.09
N PHE A 200 -5.86 -7.66 -13.88
CA PHE A 200 -5.45 -6.91 -12.66
C PHE A 200 -3.92 -6.90 -12.62
N ASP A 201 -3.31 -5.79 -13.00
CA ASP A 201 -1.84 -5.76 -13.10
C ASP A 201 -0.99 -4.95 -12.12
N ARG A 202 -1.36 -4.99 -10.85
CA ARG A 202 -0.58 -4.36 -9.80
C ARG A 202 -0.88 -5.17 -8.55
N GLN A 203 0.00 -5.08 -7.54
CA GLN A 203 -0.25 -5.75 -6.25
C GLN A 203 -1.66 -5.30 -5.82
N ALA A 204 -2.49 -6.22 -5.37
CA ALA A 204 -3.84 -5.87 -4.88
C ALA A 204 -3.57 -5.37 -3.44
N LEU A 205 -3.07 -4.16 -3.32
CA LEU A 205 -2.71 -3.61 -2.02
C LEU A 205 -3.11 -2.13 -1.96
N HIS A 206 -3.75 -1.73 -0.85
CA HIS A 206 -4.23 -0.33 -0.69
C HIS A 206 -4.06 0.16 0.76
N ALA A 207 -3.44 1.33 0.94
CA ALA A 207 -3.23 1.91 2.26
C ALA A 207 -4.57 2.60 2.57
N THR A 208 -5.39 1.87 3.31
CA THR A 208 -6.76 2.23 3.60
C THR A 208 -7.08 3.14 4.80
N LEU A 210 -5.12 5.57 8.16
CA LEU A 210 -3.91 6.13 8.70
C LEU A 210 -4.33 6.90 9.96
N ARG A 211 -3.67 6.61 11.07
CA ARG A 211 -4.02 7.29 12.32
C ARG A 211 -2.72 7.76 13.00
N LEU A 212 -2.75 8.95 13.58
CA LEU A 212 -1.56 9.45 14.23
C LEU A 212 -1.89 10.58 15.20
N TYR A 213 -0.93 10.92 16.05
CA TYR A 213 -1.11 12.04 16.97
C TYR A 213 -0.50 13.21 16.19
N HIS A 214 -1.34 14.21 15.91
CA HIS A 214 -0.90 15.37 15.13
C HIS A 214 0.45 15.85 15.69
N PRO A 215 1.46 15.99 14.81
CA PRO A 215 2.81 16.41 15.20
C PRO A 215 2.91 17.72 15.98
N ILE A 216 1.94 18.62 15.82
CA ILE A 216 1.97 19.90 16.54
C ILE A 216 0.93 20.03 17.67
N SER A 217 -0.32 19.65 17.41
CA SER A 217 -1.38 19.74 18.42
C SER A 217 -1.50 18.54 19.34
N GLY A 218 -0.91 17.41 18.94
CA GLY A 218 -1.01 16.19 19.72
C GLY A 218 -2.37 15.49 19.61
N ILE A 219 -3.34 16.10 18.94
CA ILE A 219 -4.68 15.52 18.75
C ILE A 219 -4.62 14.27 17.87
N GLU A 220 -5.26 13.18 18.32
CA GLU A 220 -5.24 11.98 17.51
C GLU A 220 -6.12 12.16 16.28
N GLU A 222 -7.42 10.53 12.34
CA GLU A 222 -7.58 9.31 11.56
C GLU A 222 -8.20 9.58 10.20
N TRP A 223 -7.68 8.95 9.15
CA TRP A 223 -8.20 9.14 7.81
C TRP A 223 -8.40 7.81 7.11
N HIS A 224 -9.30 7.79 6.13
CA HIS A 224 -9.58 6.59 5.37
C HIS A 224 -9.62 6.96 3.92
N ALA A 225 -9.18 6.02 3.09
CA ALA A 225 -9.20 6.21 1.65
C ALA A 225 -10.03 5.04 1.15
N PRO A 226 -11.08 5.34 0.38
CA PRO A 226 -11.93 4.26 -0.14
C PRO A 226 -11.15 3.26 -0.96
N ILE A 227 -11.59 2.01 -0.94
CA ILE A 227 -10.95 1.01 -1.75
C ILE A 227 -11.08 1.52 -3.19
N PRO A 228 -9.98 1.50 -3.97
CA PRO A 228 -10.07 1.98 -5.37
C PRO A 228 -10.89 1.04 -6.25
N GLN A 229 -11.46 1.61 -7.30
CA GLN A 229 -12.32 0.90 -8.22
C GLN A 229 -11.74 -0.41 -8.74
N ASP A 230 -10.44 -0.46 -9.08
CA ASP A 230 -9.87 -1.71 -9.58
C ASP A 230 -10.04 -2.83 -8.58
N VAL A 232 -12.24 -2.83 -6.01
CA VAL A 232 -13.67 -3.01 -5.74
C VAL A 232 -14.17 -4.07 -6.73
N GLU A 233 -13.86 -3.85 -7.99
CA GLU A 233 -14.27 -4.76 -9.06
C GLU A 233 -13.70 -6.16 -8.84
N LEU A 234 -12.44 -6.22 -8.43
CA LEU A 234 -11.79 -7.50 -8.19
C LEU A 234 -12.48 -8.26 -7.04
N ILE A 235 -12.65 -7.58 -5.92
CA ILE A 235 -13.28 -8.18 -4.74
C ILE A 235 -14.73 -8.58 -5.05
N GLU A 236 -15.45 -7.73 -5.75
CA GLU A 236 -16.83 -8.06 -6.04
C GLU A 236 -17.02 -9.25 -6.94
N VAL A 237 -16.12 -9.44 -7.89
CA VAL A 237 -16.30 -10.60 -8.73
C VAL A 237 -15.88 -11.88 -7.99
N ARG A 239 -16.21 -12.35 -4.79
CA ARG A 239 -17.30 -12.50 -3.83
C ARG A 239 -18.49 -13.22 -4.51
N ALA A 240 -18.84 -12.73 -5.70
CA ALA A 240 -19.95 -13.31 -6.45
C ALA A 240 -19.62 -14.79 -6.77
N ASP A 241 -18.36 -15.06 -7.06
CA ASP A 241 -17.91 -16.39 -7.37
C ASP A 241 -18.03 -17.34 -6.16
N PHE A 242 -17.59 -16.89 -5.00
CA PHE A 242 -17.65 -17.69 -3.78
C PHE A 242 -19.13 -18.02 -3.43
N GLU A 243 -19.98 -17.00 -3.52
CA GLU A 243 -21.40 -17.15 -3.19
C GLU A 243 -22.05 -18.16 -4.14
N GLU A 244 -21.82 -17.95 -5.42
CA GLU A 244 -22.36 -18.81 -6.46
C GLU A 244 -21.95 -20.29 -6.27
N HIS A 245 -20.79 -20.53 -5.66
CA HIS A 245 -20.34 -21.89 -5.46
C HIS A 245 -20.70 -22.45 -4.11
N LYS A 246 -21.39 -21.66 -3.30
CA LYS A 246 -21.78 -22.13 -1.99
C LYS A 246 -22.78 -23.24 -2.19
N ASP A 247 -22.85 -24.15 -1.22
CA ASP A 247 -23.79 -25.25 -1.31
C ASP A 247 -25.09 -24.87 -0.65
N GLU A 248 -25.87 -24.07 -1.35
CA GLU A 248 -27.15 -23.61 -0.83
C GLU A 248 -28.16 -23.65 -1.96
N VAL A 249 -29.44 -23.73 -1.59
CA VAL A 249 -30.52 -23.78 -2.56
C VAL A 249 -30.80 -22.40 -3.13
N ASP A 250 -31.09 -22.36 -4.44
CA ASP A 250 -31.41 -21.11 -5.12
C ASP A 250 -32.93 -21.03 -5.18
N TRP A 251 -33.51 -20.41 -4.17
CA TRP A 251 -34.96 -20.29 -4.09
C TRP A 251 -35.54 -19.46 -5.22
N LEU A 252 -36.57 -20.00 -5.88
CA LEU A 252 -37.22 -19.29 -6.98
C LEU A 252 -38.48 -18.54 -6.57
#